data_5N80
#
_entry.id   5N80
#
_cell.length_a   104.440
_cell.length_b   104.440
_cell.length_c   89.640
_cell.angle_alpha   90.00
_cell.angle_beta   90.00
_cell.angle_gamma   90.00
#
_symmetry.space_group_name_H-M   'P 43 21 2'
#
loop_
_entity.id
_entity.type
_entity.pdbx_description
1 polymer 'Lipopolysaccharide 1,6-galactosyltransferase'
2 non-polymer "URIDINE-5'-DIPHOSPHATE"
3 water water
#
_entity_poly.entity_id   1
_entity_poly.type   'polypeptide(L)'
_entity_poly.pdbx_seq_one_letter_code
;AMKIAFIGEAVSGFGGMETVISNVIHTFENSSPKINCEMFFFCRNDKMDKAWLKEIKYAQSFSNIKLSFLRRAKHVYNFS
QWLKETSPDIVICIDVISCLYANKARKKSGKHFTIFSWPHFSLDHKKHAECITYADYHLAISSGIKEQIMARGISAQDIS
VVYNPVSIKTVIVPPPERDKPAVFLYVGRLKFEGQKRVKDLFDGLARTTGEWQLHIIGDGSDFEKCQAYSRELGIEQRVI
WYGWQSAPWQVVQQKIKNVTALLLTSAFEGFPMTLLEAMSYGIPCISSDCMSGPRDMIKPGLNGELYTPGAIDDFVGHLN
RVISGEVKYQHDIIPGTIERFYDVLYFKNFNNAIFSKLQK
;
_entity_poly.pdbx_strand_id   A
#
loop_
_chem_comp.id
_chem_comp.type
_chem_comp.name
_chem_comp.formula
UDP RNA linking URIDINE-5'-DIPHOSPHATE 'C9 H14 N2 O12 P2'
#
# COMPACT_ATOMS: atom_id res chain seq x y z
N ALA A 1 -28.37 13.57 0.38
CA ALA A 1 -28.38 12.14 0.75
C ALA A 1 -27.62 11.29 -0.26
N MET A 2 -26.30 11.16 -0.08
CA MET A 2 -25.44 10.45 -1.02
C MET A 2 -25.22 9.02 -0.54
N LYS A 3 -25.24 8.09 -1.49
CA LYS A 3 -24.88 6.70 -1.21
C LYS A 3 -23.71 6.32 -2.11
N ILE A 4 -22.67 5.80 -1.49
CA ILE A 4 -21.48 5.34 -2.20
C ILE A 4 -21.40 3.82 -2.07
N ALA A 5 -21.17 3.15 -3.18
CA ALA A 5 -20.97 1.71 -3.19
C ALA A 5 -19.51 1.41 -3.52
N PHE A 6 -18.88 0.60 -2.69
CA PHE A 6 -17.53 0.10 -2.94
C PHE A 6 -17.65 -1.35 -3.37
N ILE A 7 -17.07 -1.69 -4.51
CA ILE A 7 -17.24 -3.04 -5.05
C ILE A 7 -15.88 -3.61 -5.45
N GLY A 8 -15.79 -4.93 -5.44
CA GLY A 8 -14.60 -5.63 -5.89
C GLY A 8 -14.83 -7.12 -5.84
N GLU A 9 -13.90 -7.86 -6.42
CA GLU A 9 -13.86 -9.30 -6.19
C GLU A 9 -13.63 -9.56 -4.71
N ALA A 10 -14.10 -10.71 -4.24
CA ALA A 10 -13.87 -11.11 -2.86
C ALA A 10 -12.39 -11.03 -2.52
N VAL A 11 -12.10 -10.55 -1.31
CA VAL A 11 -10.76 -10.49 -0.77
C VAL A 11 -10.71 -11.39 0.47
N SER A 12 -9.50 -11.61 0.98
CA SER A 12 -9.35 -12.54 2.10
C SER A 12 -10.03 -12.01 3.36
N GLY A 13 -10.04 -10.69 3.54
CA GLY A 13 -10.53 -10.07 4.75
C GLY A 13 -9.44 -9.62 5.70
N PHE A 14 -8.19 -9.95 5.40
CA PHE A 14 -7.04 -9.47 6.17
C PHE A 14 -6.03 -8.90 5.18
N GLY A 15 -5.60 -7.68 5.43
CA GLY A 15 -4.63 -7.08 4.54
C GLY A 15 -4.72 -5.58 4.58
N GLY A 16 -3.69 -4.95 4.00
CA GLY A 16 -3.66 -3.50 3.98
C GLY A 16 -4.89 -2.90 3.36
N MET A 17 -5.25 -3.38 2.16
CA MET A 17 -6.37 -2.80 1.43
C MET A 17 -7.65 -2.84 2.25
N GLU A 18 -7.97 -3.98 2.85
CA GLU A 18 -9.17 -4.09 3.68
C GLU A 18 -9.19 -3.02 4.77
N THR A 19 -8.05 -2.80 5.42
CA THR A 19 -8.00 -1.79 6.49
C THR A 19 -8.33 -0.40 5.95
N VAL A 20 -7.73 -0.01 4.82
CA VAL A 20 -8.02 1.30 4.25
C VAL A 20 -9.51 1.45 3.91
N ILE A 21 -10.11 0.40 3.35
CA ILE A 21 -11.49 0.50 2.89
C ILE A 21 -12.45 0.68 4.07
N SER A 22 -12.31 -0.18 5.09
CA SER A 22 -13.25 -0.08 6.21
C SER A 22 -13.11 1.26 6.92
N ASN A 23 -11.89 1.79 7.01
CA ASN A 23 -11.73 3.10 7.63
C ASN A 23 -12.31 4.20 6.76
N VAL A 24 -12.11 4.14 5.45
CA VAL A 24 -12.68 5.17 4.58
C VAL A 24 -14.19 5.11 4.60
N ILE A 25 -14.75 3.90 4.64
CA ILE A 25 -16.19 3.74 4.74
C ILE A 25 -16.70 4.31 6.05
N HIS A 26 -16.02 3.96 7.15
CA HIS A 26 -16.49 4.38 8.46
C HIS A 26 -16.43 5.90 8.61
N THR A 27 -15.35 6.56 8.15
CA THR A 27 -15.37 8.01 8.26
C THR A 27 -16.29 8.66 7.23
N PHE A 28 -16.62 7.97 6.15
CA PHE A 28 -17.65 8.51 5.27
C PHE A 28 -19.00 8.56 5.97
N GLU A 29 -19.34 7.51 6.72
CA GLU A 29 -20.62 7.44 7.40
C GLU A 29 -20.67 8.32 8.67
N ASN A 30 -19.80 9.34 8.75
CA ASN A 30 -19.83 10.35 9.81
C ASN A 30 -19.68 11.73 9.19
N SER A 31 -19.01 11.80 8.04
CA SER A 31 -18.75 13.02 7.28
C SER A 31 -19.95 13.97 7.24
N SER A 32 -20.73 13.93 6.17
CA SER A 32 -21.98 14.69 6.11
C SER A 32 -23.06 13.89 6.80
N PRO A 33 -23.70 14.42 7.89
CA PRO A 33 -24.36 13.56 8.89
C PRO A 33 -24.03 12.08 8.79
N LYS A 34 -24.52 11.46 7.71
CA LYS A 34 -24.14 10.10 7.36
C LYS A 34 -24.61 9.92 5.91
N ILE A 35 -23.72 10.22 4.97
CA ILE A 35 -23.91 9.72 3.62
C ILE A 35 -23.50 8.26 3.62
N ASN A 36 -24.33 7.42 3.02
CA ASN A 36 -24.27 6.00 3.34
C ASN A 36 -23.35 5.25 2.41
N CYS A 37 -22.78 4.18 2.95
CA CYS A 37 -21.87 3.31 2.24
C CYS A 37 -22.36 1.87 2.31
N GLU A 38 -22.20 1.13 1.21
CA GLU A 38 -22.33 -0.31 1.28
C GLU A 38 -21.38 -0.94 0.27
N MET A 39 -21.18 -2.25 0.40
CA MET A 39 -20.25 -3.02 -0.40
C MET A 39 -20.95 -4.04 -1.28
N PHE A 40 -20.30 -4.40 -2.38
CA PHE A 40 -20.75 -5.53 -3.20
C PHE A 40 -19.54 -6.35 -3.59
N PHE A 41 -19.59 -7.65 -3.35
CA PHE A 41 -18.49 -8.55 -3.65
C PHE A 41 -18.89 -9.56 -4.72
N PHE A 42 -17.97 -9.80 -5.65
CA PHE A 42 -18.11 -10.83 -6.65
C PHE A 42 -17.31 -12.03 -6.17
N CYS A 43 -18.00 -13.15 -5.95
CA CYS A 43 -17.41 -14.28 -5.23
C CYS A 43 -17.58 -15.56 -6.03
N ARG A 44 -16.56 -16.42 -5.96
CA ARG A 44 -16.68 -17.80 -6.43
C ARG A 44 -16.86 -18.77 -5.27
N ASN A 45 -16.85 -18.27 -4.04
CA ASN A 45 -17.04 -19.03 -2.81
C ASN A 45 -17.30 -18.00 -1.70
N ASP A 46 -17.51 -18.48 -0.48
CA ASP A 46 -17.71 -17.58 0.65
C ASP A 46 -16.59 -17.70 1.68
N LYS A 47 -15.36 -17.90 1.19
CA LYS A 47 -14.20 -18.08 2.05
C LYS A 47 -13.68 -16.77 2.64
N MET A 48 -14.09 -15.63 2.09
CA MET A 48 -13.66 -14.34 2.62
C MET A 48 -14.02 -14.23 4.11
N ASP A 49 -13.03 -13.86 4.92
CA ASP A 49 -13.32 -13.58 6.32
C ASP A 49 -14.14 -12.30 6.42
N LYS A 50 -15.17 -12.33 7.24
CA LYS A 50 -16.15 -11.24 7.30
C LYS A 50 -15.91 -10.27 8.46
N ALA A 51 -14.82 -10.44 9.21
CA ALA A 51 -14.61 -9.64 10.41
C ALA A 51 -14.58 -8.14 10.08
N TRP A 52 -13.77 -7.76 9.09
CA TRP A 52 -13.61 -6.36 8.74
C TRP A 52 -14.89 -5.71 8.26
N LEU A 53 -15.94 -6.48 8.00
CA LEU A 53 -17.19 -5.95 7.47
C LEU A 53 -18.29 -5.86 8.54
N LYS A 54 -17.97 -6.15 9.80
CA LYS A 54 -19.02 -6.30 10.80
C LYS A 54 -19.86 -5.03 10.96
N GLU A 55 -19.30 -3.87 10.66
CA GLU A 55 -20.04 -2.61 10.73
C GLU A 55 -20.40 -2.07 9.36
N ILE A 56 -20.21 -2.86 8.30
CA ILE A 56 -20.40 -2.41 6.94
C ILE A 56 -21.51 -3.25 6.31
N LYS A 57 -22.47 -2.58 5.69
CA LYS A 57 -23.54 -3.25 4.94
C LYS A 57 -22.99 -3.76 3.61
N TYR A 58 -23.16 -5.06 3.34
CA TYR A 58 -22.59 -5.63 2.13
C TYR A 58 -23.50 -6.70 1.55
N ALA A 59 -23.38 -6.89 0.23
CA ALA A 59 -24.10 -7.91 -0.53
C ALA A 59 -23.10 -8.60 -1.44
N GLN A 60 -23.51 -9.75 -2.00
CA GLN A 60 -22.60 -10.56 -2.79
C GLN A 60 -23.29 -11.08 -4.05
N SER A 61 -22.47 -11.37 -5.07
CA SER A 61 -22.85 -12.16 -6.22
C SER A 61 -21.99 -13.42 -6.19
N PHE A 62 -22.63 -14.57 -6.03
CA PHE A 62 -21.95 -15.85 -6.04
C PHE A 62 -22.12 -16.50 -7.40
N SER A 63 -21.00 -16.94 -7.99
CA SER A 63 -21.05 -17.71 -9.22
C SER A 63 -19.75 -18.46 -9.36
N ASN A 64 -19.82 -19.79 -9.36
CA ASN A 64 -18.66 -20.61 -9.63
C ASN A 64 -18.74 -21.30 -10.98
N ILE A 65 -19.56 -20.77 -11.90
CA ILE A 65 -19.53 -21.23 -13.28
C ILE A 65 -18.11 -21.15 -13.79
N LYS A 66 -17.63 -22.25 -14.36
CA LYS A 66 -16.20 -22.37 -14.65
C LYS A 66 -15.80 -21.62 -15.91
N LEU A 67 -16.67 -21.53 -16.91
CA LEU A 67 -16.38 -20.74 -18.08
C LEU A 67 -16.53 -19.26 -17.73
N SER A 68 -15.46 -18.48 -17.91
CA SER A 68 -15.48 -17.13 -17.33
C SER A 68 -16.44 -16.21 -18.09
N PHE A 69 -16.67 -16.43 -19.39
CA PHE A 69 -17.68 -15.64 -20.08
C PHE A 69 -19.04 -15.74 -19.39
N LEU A 70 -19.42 -16.96 -18.98
CA LEU A 70 -20.72 -17.16 -18.34
C LEU A 70 -20.72 -16.61 -16.92
N ARG A 71 -19.62 -16.79 -16.19
CA ARG A 71 -19.54 -16.31 -14.82
C ARG A 71 -19.65 -14.80 -14.75
N ARG A 72 -18.94 -14.11 -15.64
CA ARG A 72 -19.00 -12.65 -15.67
C ARG A 72 -20.38 -12.16 -16.05
N ALA A 73 -21.02 -12.83 -17.01
CA ALA A 73 -22.39 -12.46 -17.37
C ALA A 73 -23.30 -12.55 -16.16
N LYS A 74 -23.13 -13.59 -15.33
CA LYS A 74 -23.96 -13.71 -14.14
C LYS A 74 -23.62 -12.64 -13.11
N HIS A 75 -22.33 -12.35 -12.93
CA HIS A 75 -21.93 -11.27 -12.03
C HIS A 75 -22.53 -9.94 -12.47
N VAL A 76 -22.45 -9.61 -13.76
CA VAL A 76 -23.03 -8.37 -14.26
C VAL A 76 -24.53 -8.33 -13.99
N TYR A 77 -25.22 -9.46 -14.20
CA TYR A 77 -26.66 -9.48 -13.96
C TYR A 77 -26.97 -9.29 -12.47
N ASN A 78 -26.29 -10.05 -11.59
CA ASN A 78 -26.50 -9.89 -10.15
C ASN A 78 -26.23 -8.45 -9.70
N PHE A 79 -25.16 -7.83 -10.19
CA PHE A 79 -24.88 -6.45 -9.81
C PHE A 79 -25.92 -5.50 -10.40
N SER A 80 -26.37 -5.77 -11.62
CA SER A 80 -27.43 -4.96 -12.23
C SER A 80 -28.71 -4.95 -11.36
N GLN A 81 -29.07 -6.11 -10.81
CA GLN A 81 -30.24 -6.20 -9.94
C GLN A 81 -30.01 -5.46 -8.63
N TRP A 82 -28.84 -5.64 -8.02
CA TRP A 82 -28.54 -4.89 -6.80
C TRP A 82 -28.56 -3.40 -7.05
N LEU A 83 -28.11 -2.96 -8.24
CA LEU A 83 -28.13 -1.55 -8.56
C LEU A 83 -29.55 -1.00 -8.55
N LYS A 84 -30.50 -1.79 -9.02
CA LYS A 84 -31.89 -1.34 -9.04
C LYS A 84 -32.46 -1.25 -7.62
N GLU A 85 -32.08 -2.18 -6.74
CA GLU A 85 -32.56 -2.12 -5.37
C GLU A 85 -32.00 -0.92 -4.62
N THR A 86 -30.74 -0.55 -4.91
CA THR A 86 -29.93 0.29 -4.05
C THR A 86 -29.76 1.71 -4.56
N SER A 87 -29.68 1.89 -5.87
CA SER A 87 -29.56 3.21 -6.50
C SER A 87 -28.40 4.05 -5.95
N PRO A 88 -27.17 3.52 -5.95
CA PRO A 88 -26.04 4.33 -5.49
C PRO A 88 -25.82 5.52 -6.41
N ASP A 89 -25.32 6.62 -5.82
CA ASP A 89 -24.95 7.76 -6.63
C ASP A 89 -23.55 7.61 -7.20
N ILE A 90 -22.68 6.90 -6.49
CA ILE A 90 -21.28 6.73 -6.86
C ILE A 90 -20.91 5.28 -6.65
N VAL A 91 -20.15 4.70 -7.59
CA VAL A 91 -19.66 3.33 -7.47
C VAL A 91 -18.13 3.36 -7.58
N ILE A 92 -17.44 2.87 -6.56
CA ILE A 92 -15.98 2.90 -6.50
C ILE A 92 -15.48 1.47 -6.57
N CYS A 93 -14.65 1.17 -7.56
CA CYS A 93 -14.21 -0.19 -7.83
C CYS A 93 -12.82 -0.39 -7.24
N ILE A 94 -12.70 -1.31 -6.28
CA ILE A 94 -11.42 -1.52 -5.59
C ILE A 94 -10.48 -2.42 -6.36
N ASP A 95 -10.90 -2.95 -7.53
CA ASP A 95 -10.01 -3.67 -8.43
C ASP A 95 -10.43 -3.34 -9.85
N VAL A 96 -9.63 -3.77 -10.82
CA VAL A 96 -9.88 -3.28 -12.19
C VAL A 96 -11.02 -4.03 -12.84
N ILE A 97 -11.17 -5.34 -12.54
CA ILE A 97 -12.24 -6.12 -13.15
C ILE A 97 -13.61 -5.54 -12.78
N SER A 98 -13.74 -5.01 -11.57
CA SER A 98 -15.01 -4.45 -11.17
C SER A 98 -15.37 -3.20 -11.96
N CYS A 99 -14.41 -2.50 -12.57
CA CYS A 99 -14.79 -1.38 -13.42
C CYS A 99 -15.58 -1.88 -14.63
N LEU A 100 -15.19 -3.02 -15.19
CA LEU A 100 -15.98 -3.62 -16.27
C LEU A 100 -17.37 -4.02 -15.78
N TYR A 101 -17.45 -4.76 -14.67
CA TYR A 101 -18.75 -5.12 -14.11
C TYR A 101 -19.64 -3.90 -13.89
N ALA A 102 -19.10 -2.87 -13.21
CA ALA A 102 -19.89 -1.68 -12.92
C ALA A 102 -20.34 -1.02 -14.20
N ASN A 103 -19.45 -0.94 -15.19
CA ASN A 103 -19.83 -0.32 -16.46
C ASN A 103 -20.94 -1.12 -17.15
N LYS A 104 -20.75 -2.43 -17.33
CA LYS A 104 -21.77 -3.21 -18.01
C LYS A 104 -23.09 -3.23 -17.22
N ALA A 105 -23.01 -3.24 -15.89
CA ALA A 105 -24.23 -3.30 -15.08
C ALA A 105 -24.97 -1.96 -15.07
N ARG A 106 -24.23 -0.85 -15.18
CA ARG A 106 -24.88 0.44 -15.34
C ARG A 106 -25.79 0.46 -16.57
N LYS A 107 -25.29 -0.02 -17.71
CA LYS A 107 -26.12 0.00 -18.93
C LYS A 107 -27.30 -0.96 -18.80
N LYS A 108 -27.06 -2.13 -18.22
CA LYS A 108 -28.12 -3.14 -18.10
C LYS A 108 -29.18 -2.68 -17.12
N SER A 109 -28.78 -2.01 -16.04
CA SER A 109 -29.71 -1.64 -14.98
C SER A 109 -30.46 -0.36 -15.26
N GLY A 110 -30.03 0.43 -16.25
CA GLY A 110 -30.63 1.72 -16.51
C GLY A 110 -30.38 2.79 -15.45
N LYS A 111 -29.65 2.48 -14.39
CA LYS A 111 -29.40 3.45 -13.32
C LYS A 111 -28.33 4.43 -13.75
N HIS A 112 -28.31 5.58 -13.07
CA HIS A 112 -27.30 6.61 -13.28
C HIS A 112 -26.44 6.73 -12.03
N PHE A 113 -25.12 6.69 -12.23
CA PHE A 113 -24.12 6.88 -11.19
C PHE A 113 -22.78 7.05 -11.91
N THR A 114 -21.80 7.57 -11.16
CA THR A 114 -20.45 7.78 -11.65
C THR A 114 -19.55 6.66 -11.14
N ILE A 115 -18.70 6.12 -12.01
CA ILE A 115 -17.85 4.98 -11.68
C ILE A 115 -16.40 5.46 -11.49
N PHE A 116 -15.84 5.21 -10.31
CA PHE A 116 -14.43 5.48 -10.04
C PHE A 116 -13.65 4.17 -9.95
N SER A 117 -12.46 4.14 -10.53
CA SER A 117 -11.52 3.09 -10.15
C SER A 117 -10.79 3.54 -8.90
N TRP A 118 -10.35 2.56 -8.12
CA TRP A 118 -9.53 2.77 -6.93
C TRP A 118 -8.74 1.49 -6.71
N PRO A 119 -7.87 1.13 -7.65
CA PRO A 119 -7.11 -0.11 -7.51
C PRO A 119 -6.02 0.04 -6.46
N HIS A 120 -5.63 -1.10 -5.89
CA HIS A 120 -4.69 -1.13 -4.77
C HIS A 120 -3.42 -1.91 -5.11
N PHE A 121 -3.19 -2.13 -6.40
CA PHE A 121 -2.01 -2.81 -6.90
C PHE A 121 -1.69 -2.21 -8.26
N SER A 122 -0.40 -2.09 -8.54
CA SER A 122 0.06 -1.73 -9.87
C SER A 122 -0.67 -2.54 -10.94
N LEU A 123 -1.19 -1.82 -11.95
CA LEU A 123 -1.94 -2.48 -13.01
C LEU A 123 -1.07 -3.48 -13.78
N ASP A 124 0.23 -3.19 -13.92
CA ASP A 124 1.11 -4.03 -14.72
C ASP A 124 1.44 -5.35 -14.04
N HIS A 125 1.47 -5.37 -12.70
CA HIS A 125 1.78 -6.59 -11.96
C HIS A 125 0.51 -7.38 -11.60
N LYS A 126 -0.64 -7.05 -12.20
CA LYS A 126 -1.90 -7.73 -11.92
C LYS A 126 -2.64 -7.98 -13.23
N LYS A 127 -3.78 -8.69 -13.11
CA LYS A 127 -4.30 -9.55 -14.17
C LYS A 127 -5.07 -8.81 -15.26
N HIS A 128 -6.00 -7.91 -14.90
CA HIS A 128 -6.97 -7.40 -15.86
C HIS A 128 -6.84 -5.92 -16.15
N ALA A 129 -5.62 -5.44 -16.42
CA ALA A 129 -5.35 -4.01 -16.42
C ALA A 129 -6.20 -3.23 -17.42
N GLU A 130 -6.55 -3.85 -18.56
CA GLU A 130 -7.25 -3.10 -19.60
C GLU A 130 -8.68 -2.78 -19.22
N CYS A 131 -9.24 -3.48 -18.24
CA CYS A 131 -10.59 -3.16 -17.79
C CYS A 131 -10.65 -1.82 -17.05
N ILE A 132 -9.50 -1.16 -16.80
CA ILE A 132 -9.49 0.14 -16.15
C ILE A 132 -10.24 1.17 -17.00
N THR A 133 -10.25 1.00 -18.32
CA THR A 133 -10.87 1.97 -19.21
C THR A 133 -12.39 2.03 -19.07
N TYR A 134 -13.01 1.12 -18.34
CA TYR A 134 -14.46 1.17 -18.16
C TYR A 134 -14.90 2.05 -17.00
N ALA A 135 -13.99 2.53 -16.15
CA ALA A 135 -14.41 3.49 -15.14
C ALA A 135 -14.52 4.89 -15.76
N ASP A 136 -15.32 5.75 -15.12
CA ASP A 136 -15.42 7.14 -15.57
C ASP A 136 -14.19 7.95 -15.15
N TYR A 137 -13.84 7.86 -13.87
CA TYR A 137 -12.73 8.61 -13.31
C TYR A 137 -11.90 7.66 -12.47
N HIS A 138 -10.74 8.13 -12.01
CA HIS A 138 -9.80 7.23 -11.36
C HIS A 138 -9.23 7.85 -10.10
N LEU A 139 -9.11 7.02 -9.07
CA LEU A 139 -8.53 7.36 -7.78
C LEU A 139 -7.25 6.55 -7.63
N ALA A 140 -6.10 7.20 -7.83
CA ALA A 140 -4.80 6.54 -7.90
C ALA A 140 -4.10 6.66 -6.56
N ILE A 141 -3.70 5.53 -5.99
CA ILE A 141 -3.01 5.58 -4.70
C ILE A 141 -1.52 5.90 -4.86
N SER A 142 -1.04 6.06 -6.09
CA SER A 142 0.37 6.40 -6.27
C SER A 142 0.55 7.09 -7.62
N SER A 143 1.68 7.79 -7.75
CA SER A 143 1.98 8.36 -9.06
C SER A 143 2.27 7.27 -10.07
N GLY A 144 2.79 6.12 -9.61
CA GLY A 144 3.01 5.01 -10.53
C GLY A 144 1.73 4.49 -11.15
N ILE A 145 0.69 4.33 -10.33
CA ILE A 145 -0.59 3.84 -10.85
C ILE A 145 -1.22 4.88 -11.77
N LYS A 146 -1.10 6.16 -11.43
CA LYS A 146 -1.61 7.18 -12.35
C LYS A 146 -0.95 7.07 -13.72
N GLU A 147 0.35 6.73 -13.74
CA GLU A 147 1.07 6.61 -15.01
C GLU A 147 0.58 5.42 -15.80
N GLN A 148 0.36 4.29 -15.13
CA GLN A 148 -0.17 3.11 -15.81
C GLN A 148 -1.57 3.35 -16.35
N ILE A 149 -2.37 4.16 -15.65
CA ILE A 149 -3.72 4.45 -16.15
C ILE A 149 -3.63 5.33 -17.38
N MET A 150 -2.82 6.39 -17.32
CA MET A 150 -2.60 7.23 -18.48
C MET A 150 -2.07 6.43 -19.66
N ALA A 151 -1.25 5.42 -19.41
CA ALA A 151 -0.70 4.60 -20.48
C ALA A 151 -1.80 3.93 -21.29
N ARG A 152 -2.94 3.63 -20.66
CA ARG A 152 -4.04 3.01 -21.39
C ARG A 152 -4.91 4.02 -22.14
N GLY A 153 -4.60 5.31 -22.09
CA GLY A 153 -5.29 6.32 -22.87
C GLY A 153 -6.10 7.30 -22.06
N ILE A 154 -6.10 7.19 -20.74
CA ILE A 154 -6.91 8.04 -19.87
C ILE A 154 -6.23 9.40 -19.71
N SER A 155 -7.02 10.46 -19.81
CA SER A 155 -6.51 11.81 -19.60
C SER A 155 -6.15 12.03 -18.13
N ALA A 156 -5.03 12.72 -17.89
CA ALA A 156 -4.57 12.99 -16.53
C ALA A 156 -5.61 13.75 -15.72
N GLN A 157 -6.43 14.56 -16.38
CA GLN A 157 -7.48 15.31 -15.68
C GLN A 157 -8.53 14.40 -15.05
N ASP A 158 -8.70 13.18 -15.55
CA ASP A 158 -9.68 12.25 -14.99
C ASP A 158 -9.12 11.33 -13.92
N ILE A 159 -7.88 11.58 -13.48
CA ILE A 159 -7.16 10.76 -12.51
C ILE A 159 -6.73 11.67 -11.37
N SER A 160 -7.22 11.41 -10.16
CA SER A 160 -6.75 12.10 -8.96
C SER A 160 -5.82 11.17 -8.19
N VAL A 161 -4.64 11.66 -7.80
CA VAL A 161 -3.75 10.86 -6.96
C VAL A 161 -4.15 11.09 -5.51
N VAL A 162 -4.61 10.03 -4.85
CA VAL A 162 -5.14 10.10 -3.50
C VAL A 162 -4.23 9.47 -2.45
N TYR A 163 -3.13 8.85 -2.85
CA TYR A 163 -2.23 8.16 -1.91
C TYR A 163 -3.03 7.17 -1.08
N ASN A 164 -2.64 6.98 0.18
CA ASN A 164 -3.22 6.03 1.13
C ASN A 164 -2.97 6.63 2.50
N PRO A 165 -3.82 6.33 3.49
CA PRO A 165 -3.74 7.01 4.79
C PRO A 165 -2.79 6.31 5.76
N VAL A 166 -2.30 7.10 6.72
CA VAL A 166 -1.55 6.58 7.86
C VAL A 166 -1.87 7.46 9.05
N SER A 167 -1.75 6.89 10.25
CA SER A 167 -2.09 7.63 11.48
C SER A 167 -0.94 8.52 11.94
N ILE A 168 -1.29 9.74 12.34
CA ILE A 168 -0.36 10.63 13.02
C ILE A 168 0.13 9.97 14.31
N LYS A 169 1.44 10.09 14.59
CA LYS A 169 2.00 9.57 15.83
C LYS A 169 2.39 10.72 16.75
N THR A 170 2.53 10.39 18.05
CA THR A 170 3.00 11.37 19.04
C THR A 170 4.29 10.91 19.73
N VAL A 171 4.98 9.92 19.19
CA VAL A 171 6.32 9.53 19.62
C VAL A 171 7.24 9.53 18.40
N ILE A 172 8.49 9.97 18.61
CA ILE A 172 9.53 9.98 17.60
C ILE A 172 10.57 8.96 18.00
N VAL A 173 10.97 8.11 17.06
CA VAL A 173 12.06 7.16 17.28
C VAL A 173 13.36 7.88 16.94
N PRO A 174 14.26 8.08 17.91
CA PRO A 174 15.46 8.90 17.67
C PRO A 174 16.56 8.10 17.01
N PRO A 175 17.56 8.75 16.42
CA PRO A 175 18.73 8.03 15.91
C PRO A 175 19.58 7.50 17.06
N PRO A 176 20.48 6.55 16.81
CA PRO A 176 21.38 6.12 17.89
C PRO A 176 22.28 7.27 18.29
N GLU A 177 22.69 7.28 19.55
CA GLU A 177 23.63 8.31 20.00
C GLU A 177 24.94 8.16 19.24
N ARG A 178 25.63 9.29 19.00
CA ARG A 178 26.90 9.20 18.29
C ARG A 178 27.87 8.36 19.10
N ASP A 179 28.73 7.63 18.41
CA ASP A 179 29.63 6.59 18.92
C ASP A 179 28.92 5.24 19.09
N LYS A 180 27.58 5.16 18.86
CA LYS A 180 26.92 3.86 18.80
C LYS A 180 26.85 3.39 17.36
N PRO A 181 26.76 2.08 17.10
CA PRO A 181 26.63 1.61 15.73
C PRO A 181 25.37 2.15 15.10
N ALA A 182 25.37 2.27 13.77
CA ALA A 182 24.13 2.56 13.06
C ALA A 182 23.15 1.41 13.23
N VAL A 183 21.86 1.72 13.27
CA VAL A 183 20.85 0.70 13.51
C VAL A 183 19.91 0.72 12.31
N PHE A 184 19.97 -0.32 11.50
CA PHE A 184 19.04 -0.44 10.39
C PHE A 184 17.91 -1.40 10.75
N LEU A 185 16.74 -1.13 10.19
CA LEU A 185 15.50 -1.83 10.48
C LEU A 185 14.93 -2.35 9.15
N TYR A 186 14.54 -3.62 9.11
CA TYR A 186 13.76 -4.16 8.00
C TYR A 186 12.50 -4.77 8.58
N VAL A 187 11.34 -4.36 8.06
CA VAL A 187 10.06 -4.82 8.55
C VAL A 187 9.29 -5.34 7.36
N GLY A 188 9.04 -6.65 7.31
CA GLY A 188 8.30 -7.21 6.21
C GLY A 188 8.52 -8.71 6.09
N ARG A 189 7.74 -9.31 5.20
CA ARG A 189 7.87 -10.74 4.92
C ARG A 189 9.21 -11.00 4.24
N LEU A 190 9.84 -12.13 4.57
CA LEU A 190 11.16 -12.44 4.04
C LEU A 190 11.02 -13.22 2.73
N LYS A 191 11.57 -12.66 1.66
CA LYS A 191 11.78 -13.38 0.41
C LYS A 191 13.19 -13.09 -0.05
N PHE A 192 13.99 -14.14 -0.25
CA PHE A 192 15.40 -13.95 -0.61
C PHE A 192 15.53 -13.22 -1.95
N GLU A 193 14.84 -13.70 -2.97
CA GLU A 193 14.76 -12.96 -4.22
C GLU A 193 13.31 -12.55 -4.46
N GLY A 194 12.74 -12.90 -5.61
CA GLY A 194 11.32 -12.66 -5.82
C GLY A 194 10.93 -11.20 -5.60
N GLN A 195 9.87 -10.95 -4.83
CA GLN A 195 9.39 -9.58 -4.73
C GLN A 195 10.24 -8.72 -3.79
N LYS A 196 10.75 -9.32 -2.70
CA LYS A 196 11.33 -8.54 -1.62
C LYS A 196 12.83 -8.36 -1.72
N ARG A 197 13.54 -9.33 -2.31
CA ARG A 197 14.98 -9.25 -2.57
C ARG A 197 15.80 -8.91 -1.32
N VAL A 198 15.58 -9.70 -0.26
CA VAL A 198 16.44 -9.62 0.92
C VAL A 198 17.89 -9.88 0.54
N LYS A 199 18.14 -10.64 -0.52
CA LYS A 199 19.50 -10.77 -1.04
C LYS A 199 20.15 -9.40 -1.23
N ASP A 200 19.40 -8.46 -1.81
CA ASP A 200 19.97 -7.13 -2.09
C ASP A 200 20.23 -6.36 -0.81
N LEU A 201 19.36 -6.50 0.18
CA LEU A 201 19.60 -5.90 1.49
C LEU A 201 20.92 -6.38 2.07
N PHE A 202 21.14 -7.71 2.05
CA PHE A 202 22.34 -8.26 2.67
C PHE A 202 23.58 -7.93 1.84
N ASP A 203 23.49 -8.06 0.51
CA ASP A 203 24.60 -7.71 -0.36
C ASP A 203 25.06 -6.28 -0.14
N GLY A 204 24.11 -5.34 -0.07
CA GLY A 204 24.47 -3.95 0.13
C GLY A 204 25.12 -3.70 1.48
N LEU A 205 24.52 -4.23 2.56
CA LEU A 205 25.06 -4.00 3.90
C LEU A 205 26.44 -4.63 4.07
N ALA A 206 26.68 -5.78 3.42
CA ALA A 206 28.00 -6.41 3.53
C ALA A 206 29.09 -5.56 2.90
N ARG A 207 28.73 -4.75 1.91
CA ARG A 207 29.70 -3.90 1.21
C ARG A 207 29.89 -2.54 1.88
N THR A 208 29.19 -2.24 2.98
CA THR A 208 29.24 -0.88 3.49
C THR A 208 30.45 -0.66 4.37
N THR A 209 30.79 0.60 4.55
CA THR A 209 31.86 1.00 5.46
C THR A 209 31.25 1.52 6.76
N GLY A 210 31.80 1.09 7.88
CA GLY A 210 31.41 1.60 9.18
C GLY A 210 30.64 0.57 9.98
N GLU A 211 30.39 0.91 11.25
CA GLU A 211 29.73 0.02 12.18
C GLU A 211 28.21 0.09 12.07
N TRP A 212 27.56 -1.06 11.94
CA TRP A 212 26.11 -1.08 11.79
C TRP A 212 25.54 -2.37 12.38
N GLN A 213 24.24 -2.32 12.69
CA GLN A 213 23.45 -3.49 13.06
C GLN A 213 22.15 -3.50 12.29
N LEU A 214 21.65 -4.70 11.98
CA LEU A 214 20.39 -4.82 11.24
C LEU A 214 19.39 -5.60 12.08
N HIS A 215 18.22 -5.01 12.29
CA HIS A 215 17.13 -5.65 13.00
C HIS A 215 16.04 -6.02 11.99
N ILE A 216 15.65 -7.29 11.98
CA ILE A 216 14.72 -7.83 10.98
C ILE A 216 13.48 -8.30 11.72
N ILE A 217 12.36 -7.63 11.46
CA ILE A 217 11.05 -7.99 11.99
C ILE A 217 10.25 -8.56 10.83
N GLY A 218 9.98 -9.86 10.87
CA GLY A 218 9.28 -10.55 9.80
C GLY A 218 9.69 -12.00 9.70
N ASP A 219 8.97 -12.74 8.86
CA ASP A 219 9.24 -14.15 8.64
C ASP A 219 8.85 -14.52 7.21
N GLY A 220 9.06 -15.78 6.86
CA GLY A 220 8.70 -16.29 5.55
C GLY A 220 9.44 -17.58 5.26
N SER A 221 9.03 -18.23 4.18
CA SER A 221 9.62 -19.51 3.82
C SER A 221 11.12 -19.39 3.57
N ASP A 222 11.58 -18.24 3.09
CA ASP A 222 12.99 -18.07 2.79
C ASP A 222 13.83 -17.76 4.02
N PHE A 223 13.27 -17.90 5.22
CA PHE A 223 14.02 -17.57 6.43
C PHE A 223 15.37 -18.29 6.45
N GLU A 224 15.36 -19.62 6.40
CA GLU A 224 16.63 -20.35 6.52
C GLU A 224 17.59 -19.99 5.39
N LYS A 225 17.07 -19.74 4.19
CA LYS A 225 17.93 -19.35 3.09
C LYS A 225 18.56 -17.98 3.34
N CYS A 226 17.78 -17.03 3.89
CA CYS A 226 18.33 -15.71 4.24
C CYS A 226 19.35 -15.82 5.37
N GLN A 227 19.04 -16.63 6.39
CA GLN A 227 19.99 -16.83 7.49
C GLN A 227 21.29 -17.46 7.01
N ALA A 228 21.20 -18.40 6.06
CA ALA A 228 22.41 -18.99 5.50
C ALA A 228 23.21 -17.94 4.74
N TYR A 229 22.53 -17.09 3.98
CA TYR A 229 23.20 -16.02 3.25
C TYR A 229 23.93 -15.06 4.20
N SER A 230 23.33 -14.69 5.32
CA SER A 230 24.04 -13.78 6.20
C SER A 230 25.29 -14.42 6.77
N ARG A 231 25.21 -15.71 7.12
CA ARG A 231 26.41 -16.43 7.53
C ARG A 231 27.44 -16.45 6.41
N GLU A 232 27.01 -16.76 5.19
CA GLU A 232 27.93 -16.76 4.05
C GLU A 232 28.64 -15.43 3.90
N LEU A 233 27.89 -14.32 3.94
CA LEU A 233 28.49 -13.00 3.79
C LEU A 233 29.25 -12.54 5.01
N GLY A 234 29.22 -13.28 6.12
CA GLY A 234 29.93 -12.89 7.32
C GLY A 234 29.32 -11.73 8.06
N ILE A 235 28.02 -11.47 7.88
CA ILE A 235 27.35 -10.38 8.57
C ILE A 235 26.39 -10.88 9.64
N GLU A 236 26.38 -12.19 9.91
CA GLU A 236 25.33 -12.74 10.77
C GLU A 236 25.42 -12.20 12.19
N GLN A 237 26.62 -11.85 12.66
CA GLN A 237 26.77 -11.31 14.00
C GLN A 237 26.27 -9.86 14.12
N ARG A 238 25.92 -9.22 13.00
CA ARG A 238 25.34 -7.88 13.04
C ARG A 238 23.85 -7.88 12.71
N VAL A 239 23.23 -9.07 12.64
CA VAL A 239 21.81 -9.18 12.31
C VAL A 239 21.07 -9.80 13.49
N ILE A 240 19.95 -9.18 13.87
CA ILE A 240 19.08 -9.70 14.91
C ILE A 240 17.72 -10.00 14.29
N TRP A 241 17.23 -11.23 14.47
CA TRP A 241 15.98 -11.69 13.89
C TRP A 241 14.88 -11.72 14.95
N TYR A 242 13.73 -11.15 14.66
CA TYR A 242 12.62 -11.10 15.60
C TYR A 242 11.45 -12.00 15.20
N GLY A 243 11.52 -12.63 14.04
CA GLY A 243 10.41 -13.38 13.51
C GLY A 243 9.25 -12.44 13.24
N TRP A 244 8.12 -13.03 12.91
CA TRP A 244 6.90 -12.23 12.74
C TRP A 244 6.50 -11.62 14.08
N GLN A 245 5.99 -10.38 14.04
CA GLN A 245 5.55 -9.65 15.22
C GLN A 245 4.24 -8.97 14.90
N SER A 246 3.25 -9.14 15.79
CA SER A 246 1.95 -8.53 15.54
C SER A 246 2.01 -7.00 15.65
N ALA A 247 2.86 -6.49 16.53
CA ALA A 247 2.99 -5.05 16.79
C ALA A 247 4.43 -4.63 16.53
N PRO A 248 4.87 -4.64 15.27
CA PRO A 248 6.28 -4.33 14.99
C PRO A 248 6.74 -3.00 15.57
N TRP A 249 5.90 -1.95 15.53
CA TRP A 249 6.36 -0.66 16.03
C TRP A 249 6.42 -0.61 17.55
N GLN A 250 5.69 -1.46 18.25
CA GLN A 250 5.93 -1.60 19.69
C GLN A 250 7.28 -2.25 19.96
N VAL A 251 7.63 -3.26 19.17
CA VAL A 251 8.95 -3.88 19.27
C VAL A 251 10.06 -2.86 19.00
N VAL A 252 9.86 -2.00 18.00
CA VAL A 252 10.86 -0.97 17.71
C VAL A 252 11.06 -0.06 18.92
N GLN A 253 9.96 0.46 19.47
CA GLN A 253 10.03 1.40 20.59
C GLN A 253 10.62 0.75 21.84
N GLN A 254 10.14 -0.44 22.19
CA GLN A 254 10.49 -1.01 23.49
C GLN A 254 11.81 -1.77 23.43
N LYS A 255 12.08 -2.44 22.33
CA LYS A 255 13.24 -3.31 22.22
C LYS A 255 14.43 -2.66 21.49
N ILE A 256 14.20 -1.89 20.43
CA ILE A 256 15.30 -1.34 19.64
C ILE A 256 15.61 0.09 20.03
N LYS A 257 14.58 0.91 20.21
CA LYS A 257 14.66 2.23 20.84
C LYS A 257 15.30 3.30 19.97
N ASN A 258 16.36 2.98 19.24
CA ASN A 258 17.04 3.96 18.38
C ASN A 258 17.28 3.34 17.01
N VAL A 259 16.95 4.08 15.96
CA VAL A 259 17.00 3.57 14.59
C VAL A 259 17.61 4.62 13.67
N THR A 260 18.60 4.20 12.87
CA THR A 260 19.19 5.08 11.83
C THR A 260 18.27 5.20 10.62
N ALA A 261 17.82 4.08 10.06
CA ALA A 261 16.94 4.11 8.90
C ALA A 261 16.20 2.78 8.73
N LEU A 262 15.02 2.86 8.14
CA LEU A 262 14.36 1.66 7.63
C LEU A 262 14.80 1.46 6.19
N LEU A 263 15.10 0.22 5.83
CA LEU A 263 15.52 -0.16 4.48
C LEU A 263 14.47 -1.02 3.79
N LEU A 264 14.25 -0.77 2.50
CA LEU A 264 13.35 -1.58 1.68
C LEU A 264 13.98 -1.79 0.32
N THR A 265 14.18 -3.06 -0.08
CA THR A 265 14.93 -3.36 -1.29
C THR A 265 14.08 -4.08 -2.36
N SER A 266 12.78 -3.83 -2.38
CA SER A 266 11.85 -4.64 -3.15
C SER A 266 12.00 -4.44 -4.66
N ALA A 267 11.64 -5.49 -5.42
CA ALA A 267 11.50 -5.38 -6.87
C ALA A 267 10.23 -4.65 -7.25
N PHE A 268 9.15 -4.85 -6.49
CA PHE A 268 7.91 -4.11 -6.68
C PHE A 268 7.14 -4.13 -5.37
N GLU A 269 6.13 -3.27 -5.28
CA GLU A 269 5.28 -3.13 -4.09
C GLU A 269 3.88 -2.69 -4.53
N GLY A 270 2.85 -3.24 -3.90
CA GLY A 270 1.51 -2.74 -4.18
C GLY A 270 1.32 -1.34 -3.65
N PHE A 271 1.60 -1.18 -2.35
CA PHE A 271 1.71 0.12 -1.69
C PHE A 271 2.56 -0.15 -0.44
N PRO A 272 3.70 0.45 -0.31
CA PRO A 272 4.58 0.10 0.82
C PRO A 272 4.20 0.86 2.09
N MET A 273 3.15 0.37 2.75
CA MET A 273 2.64 1.01 3.97
C MET A 273 3.71 1.06 5.04
N THR A 274 4.66 0.12 4.99
CA THR A 274 5.74 0.07 5.96
C THR A 274 6.56 1.37 5.96
N LEU A 275 6.80 1.95 4.77
CA LEU A 275 7.56 3.20 4.71
C LEU A 275 6.82 4.33 5.39
N LEU A 276 5.52 4.47 5.09
CA LEU A 276 4.71 5.50 5.72
C LEU A 276 4.71 5.35 7.24
N GLU A 277 4.54 4.11 7.72
CA GLU A 277 4.61 3.87 9.15
C GLU A 277 5.91 4.40 9.72
N ALA A 278 7.04 3.99 9.12
CA ALA A 278 8.35 4.38 9.62
C ALA A 278 8.50 5.89 9.66
N MET A 279 8.07 6.57 8.62
CA MET A 279 8.25 8.01 8.63
C MET A 279 7.29 8.69 9.58
N SER A 280 6.10 8.11 9.81
CA SER A 280 5.21 8.63 10.84
C SER A 280 5.88 8.64 12.22
N TYR A 281 6.82 7.72 12.45
CA TYR A 281 7.60 7.71 13.66
C TYR A 281 8.93 8.46 13.53
N GLY A 282 9.12 9.20 12.44
CA GLY A 282 10.33 10.01 12.28
C GLY A 282 11.57 9.26 11.86
N ILE A 283 11.43 8.03 11.36
CA ILE A 283 12.54 7.20 10.90
C ILE A 283 12.75 7.42 9.40
N PRO A 284 13.94 7.80 8.95
CA PRO A 284 14.17 7.92 7.51
C PRO A 284 14.19 6.56 6.82
N CYS A 285 13.89 6.57 5.52
CA CYS A 285 13.77 5.35 4.73
C CYS A 285 14.67 5.41 3.50
N ILE A 286 15.48 4.39 3.30
CA ILE A 286 16.21 4.22 2.06
C ILE A 286 15.58 3.03 1.33
N SER A 287 15.03 3.30 0.14
CA SER A 287 14.20 2.36 -0.60
C SER A 287 14.62 2.31 -2.06
N SER A 288 14.45 1.14 -2.68
CA SER A 288 14.51 1.04 -4.13
C SER A 288 13.35 1.84 -4.71
N ASP A 289 13.59 2.44 -5.87
CA ASP A 289 12.61 3.32 -6.51
C ASP A 289 11.76 2.46 -7.45
N CYS A 290 10.95 1.60 -6.83
CA CYS A 290 10.24 0.55 -7.55
C CYS A 290 8.80 0.94 -7.77
N MET A 291 8.15 0.24 -8.68
CA MET A 291 6.70 0.39 -8.85
C MET A 291 5.98 -0.32 -7.70
N SER A 292 5.26 0.42 -6.86
CA SER A 292 5.18 1.88 -6.90
C SER A 292 4.99 2.33 -5.46
N GLY A 293 5.07 3.64 -5.19
CA GLY A 293 4.90 4.14 -3.85
C GLY A 293 6.10 4.91 -3.31
N PRO A 294 7.28 4.28 -3.26
CA PRO A 294 8.37 4.93 -2.51
C PRO A 294 8.69 6.33 -3.00
N ARG A 295 8.51 6.63 -4.29
CA ARG A 295 8.89 7.96 -4.76
C ARG A 295 7.89 9.02 -4.35
N ASP A 296 6.65 8.62 -4.02
CA ASP A 296 5.67 9.61 -3.55
C ASP A 296 5.87 9.99 -2.09
N MET A 297 6.65 9.22 -1.35
CA MET A 297 6.85 9.44 0.08
C MET A 297 8.25 9.94 0.42
N ILE A 298 9.25 9.35 -0.21
CA ILE A 298 10.64 9.68 0.10
C ILE A 298 11.01 10.95 -0.64
N LYS A 299 11.54 11.90 0.09
CA LYS A 299 12.08 13.13 -0.47
C LYS A 299 13.58 13.09 -0.28
N PRO A 300 14.35 12.82 -1.33
CA PRO A 300 15.77 12.49 -1.13
C PRO A 300 16.51 13.58 -0.38
N GLY A 301 17.37 13.16 0.55
CA GLY A 301 18.12 14.10 1.37
C GLY A 301 17.34 14.69 2.54
N LEU A 302 16.04 14.47 2.61
CA LEU A 302 15.21 15.05 3.65
C LEU A 302 14.64 14.01 4.61
N ASN A 303 14.05 12.92 4.10
CA ASN A 303 13.52 11.86 4.95
C ASN A 303 14.03 10.49 4.51
N GLY A 304 15.11 10.43 3.71
CA GLY A 304 15.61 9.17 3.24
C GLY A 304 16.17 9.30 1.82
N GLU A 305 16.33 8.17 1.13
CA GLU A 305 16.87 8.16 -0.21
C GLU A 305 16.15 7.13 -1.06
N LEU A 306 16.24 7.32 -2.37
CA LEU A 306 15.79 6.35 -3.37
C LEU A 306 16.99 5.88 -4.17
N TYR A 307 16.97 4.61 -4.58
CA TYR A 307 17.96 4.14 -5.55
C TYR A 307 17.26 3.41 -6.69
N THR A 308 17.79 3.62 -7.90
CA THR A 308 17.29 2.96 -9.09
C THR A 308 17.31 1.45 -8.91
N PRO A 309 16.25 0.75 -9.32
CA PRO A 309 16.22 -0.71 -9.18
C PRO A 309 17.48 -1.36 -9.74
N GLY A 310 18.05 -2.28 -8.97
CA GLY A 310 19.29 -2.93 -9.34
C GLY A 310 20.57 -2.13 -9.12
N ALA A 311 20.49 -0.87 -8.67
CA ALA A 311 21.72 -0.10 -8.48
C ALA A 311 22.22 -0.30 -7.05
N ILE A 312 22.74 -1.50 -6.79
CA ILE A 312 23.21 -1.80 -5.44
C ILE A 312 24.39 -0.90 -5.05
N ASP A 313 25.25 -0.52 -6.01
CA ASP A 313 26.28 0.48 -5.74
C ASP A 313 25.69 1.76 -5.14
N ASP A 314 24.59 2.25 -5.74
CA ASP A 314 23.96 3.47 -5.26
C ASP A 314 23.37 3.27 -3.87
N PHE A 315 22.70 2.13 -3.66
CA PHE A 315 22.19 1.74 -2.35
C PHE A 315 23.28 1.80 -1.29
N VAL A 316 24.44 1.20 -1.61
CA VAL A 316 25.57 1.19 -0.67
C VAL A 316 26.01 2.62 -0.35
N GLY A 317 26.06 3.48 -1.37
CA GLY A 317 26.46 4.86 -1.13
C GLY A 317 25.55 5.56 -0.14
N HIS A 318 24.24 5.36 -0.29
CA HIS A 318 23.27 5.93 0.64
C HIS A 318 23.48 5.41 2.06
N LEU A 319 23.82 4.13 2.20
CA LEU A 319 24.10 3.57 3.52
C LEU A 319 25.37 4.18 4.12
N ASN A 320 26.45 4.24 3.33
CA ASN A 320 27.71 4.78 3.85
C ASN A 320 27.53 6.21 4.36
N ARG A 321 26.81 7.04 3.60
CA ARG A 321 26.64 8.43 3.97
C ARG A 321 25.77 8.59 5.22
N VAL A 322 24.74 7.75 5.39
CA VAL A 322 23.96 7.92 6.62
C VAL A 322 24.70 7.35 7.81
N ILE A 323 25.49 6.29 7.63
CA ILE A 323 26.28 5.76 8.74
C ILE A 323 27.30 6.80 9.22
N SER A 324 28.03 7.43 8.29
CA SER A 324 29.10 8.36 8.66
C SER A 324 28.58 9.69 9.16
N GLY A 325 27.36 10.06 8.79
CA GLY A 325 26.87 11.38 9.04
C GLY A 325 27.07 12.36 7.93
N GLU A 326 27.69 11.94 6.81
CA GLU A 326 27.81 12.83 5.65
C GLU A 326 26.44 13.35 5.23
N VAL A 327 25.42 12.51 5.27
CA VAL A 327 24.04 12.95 5.14
C VAL A 327 23.36 12.61 6.46
N LYS A 328 22.57 13.56 6.97
CA LYS A 328 21.87 13.39 8.24
C LYS A 328 20.42 13.77 8.02
N TYR A 329 19.51 12.92 8.48
CA TYR A 329 18.08 13.19 8.37
C TYR A 329 17.59 13.57 9.76
N GLN A 330 16.77 14.62 9.84
CA GLN A 330 16.33 15.14 11.13
C GLN A 330 15.04 14.44 11.54
N HIS A 331 15.14 13.54 12.53
CA HIS A 331 13.98 12.73 12.88
C HIS A 331 12.82 13.59 13.37
N ASP A 332 13.12 14.74 13.99
CA ASP A 332 12.06 15.58 14.55
C ASP A 332 11.16 16.19 13.50
N ILE A 333 11.61 16.32 12.26
CA ILE A 333 10.75 16.93 11.23
C ILE A 333 10.26 15.92 10.21
N ILE A 334 10.82 14.71 10.18
CA ILE A 334 10.38 13.70 9.22
C ILE A 334 8.87 13.42 9.29
N PRO A 335 8.24 13.31 10.47
CA PRO A 335 6.78 13.05 10.44
C PRO A 335 6.01 14.09 9.66
N GLY A 336 6.47 15.34 9.62
CA GLY A 336 5.77 16.35 8.85
C GLY A 336 6.00 16.25 7.35
N THR A 337 7.01 15.48 6.92
CA THR A 337 7.26 15.37 5.49
C THR A 337 6.27 14.46 4.78
N ILE A 338 5.30 13.86 5.48
CA ILE A 338 4.31 13.01 4.81
C ILE A 338 2.91 13.54 5.12
N GLU A 339 2.81 14.86 5.35
CA GLU A 339 1.56 15.53 5.71
C GLU A 339 0.35 15.00 4.95
N ARG A 340 0.44 14.93 3.62
CA ARG A 340 -0.72 14.60 2.81
C ARG A 340 -1.18 13.17 2.96
N PHE A 341 -0.42 12.31 3.65
CA PHE A 341 -0.82 10.93 3.89
C PHE A 341 -1.61 10.74 5.17
N TYR A 342 -1.63 11.72 6.06
CA TYR A 342 -2.23 11.48 7.36
C TYR A 342 -3.76 11.48 7.25
N ASP A 343 -4.39 10.60 8.02
CA ASP A 343 -5.82 10.28 7.97
C ASP A 343 -6.74 11.43 7.56
N VAL A 344 -6.71 12.54 8.30
CA VAL A 344 -7.72 13.57 8.09
C VAL A 344 -7.51 14.27 6.74
N LEU A 345 -6.28 14.71 6.48
CA LEU A 345 -6.02 15.36 5.20
C LEU A 345 -6.17 14.37 4.04
N TYR A 346 -5.78 13.11 4.26
CA TYR A 346 -6.02 12.08 3.25
C TYR A 346 -7.51 12.03 2.90
N PHE A 347 -8.36 11.95 3.92
CA PHE A 347 -9.79 11.83 3.66
C PHE A 347 -10.35 13.07 3.00
N LYS A 348 -9.96 14.25 3.46
CA LYS A 348 -10.40 15.47 2.80
C LYS A 348 -10.05 15.46 1.31
N ASN A 349 -8.82 15.06 0.97
CA ASN A 349 -8.43 15.07 -0.44
C ASN A 349 -9.13 13.95 -1.21
N PHE A 350 -9.33 12.82 -0.56
CA PHE A 350 -10.06 11.71 -1.18
C PHE A 350 -11.49 12.12 -1.47
N ASN A 351 -12.17 12.64 -0.45
CA ASN A 351 -13.52 13.14 -0.62
C ASN A 351 -13.60 14.18 -1.73
N ASN A 352 -12.66 15.12 -1.75
CA ASN A 352 -12.71 16.15 -2.78
C ASN A 352 -12.42 15.59 -4.18
N ALA A 353 -11.70 14.47 -4.26
CA ALA A 353 -11.45 13.87 -5.58
C ALA A 353 -12.71 13.23 -6.14
N ILE A 354 -13.52 12.65 -5.25
CA ILE A 354 -14.77 12.05 -5.69
C ILE A 354 -15.77 13.12 -6.12
N PHE A 355 -16.08 14.06 -5.24
CA PHE A 355 -17.16 15.01 -5.52
C PHE A 355 -16.77 16.09 -6.52
N SER A 356 -15.49 16.35 -6.74
CA SER A 356 -15.09 17.32 -7.76
C SER A 356 -15.43 16.82 -9.15
N LYS A 357 -15.49 15.50 -9.35
CA LYS A 357 -15.78 14.96 -10.67
C LYS A 357 -17.28 14.88 -10.95
N LEU A 358 -18.11 15.26 -9.98
CA LEU A 358 -19.55 15.30 -10.21
C LEU A 358 -20.00 16.73 -10.49
N1 UDP B . 4.14 -6.31 9.46
C2 UDP B . 3.77 -6.79 10.70
N3 UDP B . 4.57 -7.70 11.36
C4 UDP B . 5.73 -8.15 10.77
C5 UDP B . 6.08 -7.68 9.51
C6 UDP B . 5.16 -6.92 8.79
O2 UDP B . 2.74 -6.38 11.24
O4 UDP B . 6.44 -8.97 11.35
C1' UDP B . 3.25 -5.33 8.78
C2' UDP B . 3.91 -3.96 8.57
O2' UDP B . 3.74 -3.03 9.62
C3' UDP B . 3.23 -3.45 7.32
C4' UDP B . 2.90 -4.73 6.56
O4' UDP B . 2.90 -5.81 7.49
O3' UDP B . 2.07 -2.73 7.67
C5' UDP B . 3.91 -5.03 5.46
O5' UDP B . 4.04 -6.43 5.30
PA UDP B . 4.47 -7.08 3.88
O1A UDP B . 5.91 -6.85 3.65
O2A UDP B . 4.14 -8.53 3.81
O3A UDP B . 3.61 -6.25 2.79
PB UDP B . 2.46 -7.04 1.98
O1B UDP B . 3.10 -7.99 1.04
O2B UDP B . 1.62 -6.07 1.24
O3B UDP B . 1.62 -7.80 2.96
#